data_1DOJ
#
_entry.id   1DOJ
#
_cell.length_a   62.982
_cell.length_b   117.521
_cell.length_c   47.989
_cell.angle_alpha   90.00
_cell.angle_beta   90.00
_cell.angle_gamma   90.00
#
_symmetry.space_group_name_H-M   'P 21 21 2'
#
loop_
_entity.id
_entity.type
_entity.pdbx_description
1 polymer ALPHA-THROMBIN
2 polymer HIRUGEN
3 non-polymer N-methyl-D-phenylalanyl-N-{(1S)-4-carbamimidamido-1-[(6-carboxy-1,3-benzothiazol-2-yl)carbonyl]butyl}-L-prolinamide
4 non-polymer 2-acetamido-2-deoxy-beta-D-glucopyranose
5 non-polymer 'SODIUM ION'
6 water water
#
loop_
_entity_poly.entity_id
_entity_poly.type
_entity_poly.pdbx_seq_one_letter_code
_entity_poly.pdbx_strand_id
1 'polypeptide(L)'
;TFGSGEADCGLRPLFEKKSLEDKTERELLESYIDGRIVEGSDAEIGMSPWQVMLFRKSPQELLCGASLISDRWVLTAAHC
LLYPPWDKNFTENDLLVRIGKHSRTRYERNIEKISMLEKIYIHPRYNWRENLDRDIALMKLKKPVAFSDYIHPVCLPDRE
TAASLLQAGYKGRVTGWGNLKETWTANVGKGQPSVLQVVNLPIVERPVCKDSTRIRITDNMFCAGYKPDEGKRGDACEGD
SGGPFVMKSPFNNRWYQMGIVSWGEGCDRDGKYGFYTHVFRLKKWIQKVIDQFGE
;
A
2 'polypeptide(L)' DFEEIPEE(TYS)LQ B
#
loop_
_chem_comp.id
_chem_comp.type
_chem_comp.name
_chem_comp.formula
1Z0 peptide-like N-methyl-D-phenylalanyl-N-{(1S)-4-carbamimidamido-1-[(6-carboxy-1,3-benzothiazol-2-yl)carbonyl]butyl}-L-prolinamide 'C29 H35 N7 O5 S'
NA non-polymer 'SODIUM ION' 'Na 1'
NAG D-saccharide, beta linking 2-acetamido-2-deoxy-beta-D-glucopyranose 'C8 H15 N O6'
#
# COMPACT_ATOMS: atom_id res chain seq x y z
N THR A 1 -1.68 -18.73 8.04
CA THR A 1 -1.41 -18.54 6.58
C THR A 1 -0.74 -17.20 6.32
N PHE A 2 -0.88 -16.29 7.27
CA PHE A 2 -0.28 -14.96 7.15
C PHE A 2 0.18 -14.45 8.50
N GLY A 3 -0.31 -15.08 9.56
CA GLY A 3 0.08 -14.67 10.91
C GLY A 3 -1.10 -14.33 11.79
N SER A 4 -0.85 -14.22 13.10
CA SER A 4 -1.91 -13.89 14.05
C SER A 4 -2.61 -12.60 13.65
N GLY A 5 -3.94 -12.67 13.52
CA GLY A 5 -4.71 -11.52 13.12
C GLY A 5 -5.35 -11.70 11.76
N GLU A 6 -5.19 -12.89 11.18
CA GLU A 6 -5.75 -13.18 9.86
C GLU A 6 -7.25 -13.45 9.95
N ALA A 7 -7.66 -14.17 11.00
CA ALA A 7 -9.06 -14.51 11.18
C ALA A 7 -9.96 -13.27 11.19
N ASP A 8 -9.50 -12.22 11.87
CA ASP A 8 -10.28 -10.98 11.97
C ASP A 8 -9.79 -9.91 11.00
N CYS A 9 -9.01 -10.33 10.01
CA CYS A 9 -8.47 -9.40 9.02
C CYS A 9 -9.52 -8.65 8.21
N GLY A 10 -9.13 -7.48 7.71
CA GLY A 10 -10.00 -6.68 6.86
C GLY A 10 -11.21 -6.04 7.49
N LEU A 11 -11.37 -6.17 8.80
CA LEU A 11 -12.50 -5.56 9.48
C LEU A 11 -11.97 -4.45 10.38
N ARG A 12 -12.35 -3.21 10.06
CA ARG A 12 -11.89 -2.05 10.82
C ARG A 12 -12.67 -1.75 12.09
N PRO A 13 -11.96 -1.59 13.22
CA PRO A 13 -12.57 -1.28 14.51
C PRO A 13 -13.46 -0.04 14.47
N LEU A 14 -13.02 0.99 13.76
CA LEU A 14 -13.77 2.24 13.67
C LEU A 14 -14.85 2.25 12.60
N PHE A 15 -14.98 1.16 11.85
CA PHE A 15 -15.99 1.10 10.81
C PHE A 15 -16.81 -0.18 10.82
N GLU A 16 -16.34 -1.22 10.14
CA GLU A 16 -17.08 -2.48 10.09
C GLU A 16 -17.50 -2.99 11.48
N LYS A 17 -16.57 -2.92 12.42
CA LYS A 17 -16.84 -3.39 13.79
C LYS A 17 -17.91 -2.57 14.49
N LYS A 18 -18.15 -1.35 14.00
CA LYS A 18 -19.15 -0.47 14.58
C LYS A 18 -20.31 -0.28 13.62
N SER A 19 -20.33 -1.06 12.55
CA SER A 19 -21.38 -0.96 11.54
C SER A 19 -21.42 0.45 10.97
N LEU A 20 -20.24 1.05 10.81
CA LEU A 20 -20.13 2.40 10.26
C LEU A 20 -19.45 2.29 8.90
N GLU A 21 -19.97 3.02 7.93
CA GLU A 21 -19.42 2.99 6.58
C GLU A 21 -18.56 4.24 6.38
N ASP A 22 -17.36 4.07 5.82
CA ASP A 22 -16.53 5.24 5.59
C ASP A 22 -17.12 6.05 4.45
N LYS A 23 -16.65 7.28 4.28
CA LYS A 23 -17.19 8.18 3.26
C LYS A 23 -17.20 7.79 1.79
N THR A 24 -16.32 6.91 1.34
CA THR A 24 -16.32 6.58 -0.08
C THR A 24 -16.32 5.10 -0.43
N GLU A 25 -16.49 4.23 0.56
CA GLU A 25 -16.48 2.80 0.27
C GLU A 25 -17.61 2.33 -0.62
N ARG A 26 -18.77 2.98 -0.56
CA ARG A 26 -19.88 2.55 -1.41
C ARG A 26 -19.50 2.70 -2.88
N GLU A 27 -18.62 3.66 -3.18
CA GLU A 27 -18.19 3.88 -4.55
C GLU A 27 -17.52 2.61 -5.07
N LEU A 28 -16.77 1.94 -4.20
CA LEU A 28 -16.08 0.71 -4.57
C LEU A 28 -17.08 -0.41 -4.86
N LEU A 29 -17.95 -0.68 -3.90
CA LEU A 29 -18.95 -1.74 -4.06
C LEU A 29 -19.89 -1.49 -5.22
N GLU A 30 -20.21 -0.21 -5.46
CA GLU A 30 -21.08 0.15 -6.56
C GLU A 30 -20.42 -0.26 -7.87
N SER A 31 -19.10 -0.08 -7.96
CA SER A 31 -18.38 -0.43 -9.17
C SER A 31 -18.41 -1.93 -9.44
N TYR A 32 -18.56 -2.73 -8.38
CA TYR A 32 -18.59 -4.19 -8.53
C TYR A 32 -19.95 -4.69 -9.02
N ILE A 33 -21.02 -3.99 -8.66
CA ILE A 33 -22.35 -4.42 -9.06
C ILE A 33 -22.94 -3.57 -10.19
N ASP A 34 -22.41 -2.35 -10.35
CA ASP A 34 -22.91 -1.48 -11.40
C ASP A 34 -22.33 -1.80 -12.76
N ILE A 37 -0.32 10.52 -3.22
CA ILE A 37 -1.67 10.39 -3.83
C ILE A 37 -2.09 11.70 -4.47
N VAL A 38 -2.42 11.66 -5.76
CA VAL A 38 -2.85 12.84 -6.49
C VAL A 38 -4.36 12.84 -6.64
N GLU A 39 -4.96 14.02 -6.42
CA GLU A 39 -6.41 14.18 -6.53
C GLU A 39 -7.18 13.28 -5.57
N GLY A 40 -6.58 13.02 -4.41
CA GLY A 40 -7.23 12.19 -3.41
C GLY A 40 -7.78 13.09 -2.33
N SER A 41 -8.10 12.51 -1.17
CA SER A 41 -8.61 13.28 -0.06
C SER A 41 -8.00 12.77 1.23
N ASP A 42 -8.18 13.53 2.31
CA ASP A 42 -7.64 13.14 3.61
C ASP A 42 -8.34 11.85 4.05
N ALA A 43 -7.57 10.91 4.56
CA ALA A 43 -8.14 9.66 5.02
C ALA A 43 -8.91 9.94 6.31
N GLU A 44 -9.94 9.13 6.56
CA GLU A 44 -10.71 9.29 7.79
C GLU A 44 -9.89 8.58 8.86
N ILE A 45 -10.09 8.95 10.12
CA ILE A 45 -9.35 8.29 11.19
C ILE A 45 -9.73 6.82 11.22
N GLY A 46 -8.73 5.94 11.22
CA GLY A 46 -8.98 4.50 11.25
C GLY A 46 -9.53 3.91 9.98
N MET A 47 -9.48 4.69 8.90
CA MET A 47 -9.99 4.25 7.60
C MET A 47 -9.14 3.15 6.95
N SER A 48 -7.84 3.20 7.23
CA SER A 48 -6.89 2.22 6.69
C SER A 48 -5.98 1.82 7.84
N PRO A 49 -6.50 1.05 8.81
CA PRO A 49 -5.72 0.62 9.97
C PRO A 49 -4.53 -0.28 9.66
N TRP A 50 -4.47 -0.77 8.42
CA TRP A 50 -3.37 -1.63 8.00
C TRP A 50 -2.27 -0.81 7.36
N GLN A 51 -2.54 0.48 7.17
CA GLN A 51 -1.57 1.38 6.56
C GLN A 51 -0.30 1.43 7.40
N VAL A 52 0.84 1.25 6.73
CA VAL A 52 2.11 1.28 7.41
C VAL A 52 3.04 2.25 6.69
N MET A 53 3.82 2.98 7.47
CA MET A 53 4.78 3.91 6.90
C MET A 53 6.16 3.32 7.12
N LEU A 54 6.90 3.14 6.03
CA LEU A 54 8.26 2.62 6.12
C LEU A 54 9.07 3.88 6.45
N PHE A 55 9.79 3.85 7.56
CA PHE A 55 10.55 5.02 8.01
C PHE A 55 12.04 4.74 8.14
N ARG A 56 12.85 5.64 7.58
CA ARG A 56 14.30 5.49 7.65
C ARG A 56 14.77 5.90 9.04
N LYS A 57 15.57 5.05 9.67
CA LYS A 57 16.09 5.32 11.01
C LYS A 57 16.98 6.56 11.04
N SER A 58 17.92 6.64 10.11
CA SER A 58 18.83 7.78 10.05
C SER A 58 19.42 7.99 8.66
N PRO A 59 19.14 9.14 8.04
CA PRO A 59 18.31 10.21 8.61
C PRO A 59 16.84 9.82 8.66
N GLN A 60 16.11 10.38 9.63
CA GLN A 60 14.69 10.10 9.80
C GLN A 60 13.86 10.67 8.65
N GLU A 61 13.34 9.79 7.80
CA GLU A 61 12.54 10.22 6.66
C GLU A 61 11.57 9.13 6.20
N LEU A 62 10.52 9.54 5.49
CA LEU A 62 9.54 8.61 4.96
C LEU A 62 10.17 7.91 3.76
N LEU A 63 10.14 6.58 3.78
CA LEU A 63 10.74 5.81 2.69
C LEU A 63 9.72 5.25 1.71
N CYS A 64 8.62 4.77 2.25
CA CYS A 64 7.59 4.16 1.42
C CYS A 64 6.36 3.87 2.26
N GLY A 65 5.34 3.35 1.59
CA GLY A 65 4.12 2.96 2.27
C GLY A 65 4.24 1.45 2.43
N ALA A 66 3.31 0.85 3.16
CA ALA A 66 3.34 -0.59 3.37
C ALA A 66 2.00 -0.95 3.99
N SER A 67 1.80 -2.23 4.29
CA SER A 67 0.56 -2.65 4.90
C SER A 67 0.77 -3.77 5.91
N LEU A 68 -0.07 -3.79 6.94
CA LEU A 68 0.01 -4.79 7.98
C LEU A 68 -0.89 -5.97 7.59
N ILE A 69 -0.32 -7.16 7.51
CA ILE A 69 -1.09 -8.34 7.14
C ILE A 69 -1.29 -9.32 8.29
N SER A 70 -0.64 -9.01 9.41
CA SER A 70 -0.74 -9.80 10.63
C SER A 70 -0.07 -9.02 11.73
N ASP A 71 -0.11 -9.53 12.95
CA ASP A 71 0.49 -8.82 14.08
C ASP A 71 2.01 -8.80 14.04
N ARG A 72 2.60 -9.49 13.06
CA ARG A 72 4.06 -9.54 12.96
C ARG A 72 4.61 -9.40 11.55
N TRP A 73 3.72 -9.37 10.56
CA TRP A 73 4.16 -9.26 9.17
C TRP A 73 3.64 -8.04 8.44
N VAL A 74 4.56 -7.37 7.73
CA VAL A 74 4.22 -6.18 6.96
C VAL A 74 4.58 -6.43 5.51
N LEU A 75 3.67 -6.04 4.61
CA LEU A 75 3.85 -6.21 3.19
C LEU A 75 4.17 -4.87 2.53
N THR A 76 5.07 -4.88 1.56
CA THR A 76 5.44 -3.66 0.86
C THR A 76 5.99 -4.01 -0.52
N ALA A 77 6.48 -3.01 -1.24
CA ALA A 77 7.04 -3.23 -2.56
C ALA A 77 8.52 -3.59 -2.42
N ALA A 78 8.98 -4.53 -3.22
CA ALA A 78 10.39 -4.94 -3.16
C ALA A 78 11.29 -3.74 -3.44
N HIS A 79 10.91 -2.92 -4.42
CA HIS A 79 11.70 -1.77 -4.80
C HIS A 79 11.83 -0.70 -3.71
N CYS A 80 11.04 -0.84 -2.66
CA CYS A 80 11.07 0.09 -1.54
C CYS A 80 12.29 -0.19 -0.67
N LEU A 81 12.73 -1.44 -0.71
CA LEU A 81 13.88 -1.88 0.08
C LEU A 81 15.10 -2.12 -0.79
N LEU A 82 14.85 -2.50 -2.04
CA LEU A 82 15.95 -2.79 -2.96
C LEU A 82 15.72 -2.26 -4.36
N TYR A 83 16.49 -1.25 -4.72
CA TYR A 83 16.41 -0.66 -6.06
C TYR A 83 17.79 -0.16 -6.44
N PRO A 84 18.63 -1.06 -6.97
CA PRO A 84 20.00 -0.75 -7.38
C PRO A 84 20.17 0.50 -8.26
N PRO A 85 19.26 0.72 -9.24
CA PRO A 85 19.41 1.91 -10.08
C PRO A 85 19.56 3.21 -9.30
N TRP A 86 18.95 3.28 -8.12
CA TRP A 86 19.05 4.46 -7.28
C TRP A 86 19.87 4.15 -6.04
N ASP A 87 20.69 3.10 -6.15
CA ASP A 87 21.56 2.69 -5.06
C ASP A 87 20.81 2.47 -3.75
N LYS A 88 19.64 1.85 -3.85
CA LYS A 88 18.83 1.57 -2.68
C LYS A 88 18.91 0.09 -2.34
N ASN A 89 19.29 -0.20 -1.10
CA ASN A 89 19.42 -1.58 -0.63
C ASN A 89 19.45 -1.54 0.89
N PHE A 90 18.27 -1.50 1.49
CA PHE A 90 18.15 -1.44 2.94
C PHE A 90 18.27 -2.80 3.62
N THR A 91 18.65 -2.74 4.89
CA THR A 91 18.77 -3.93 5.72
C THR A 91 17.77 -3.67 6.84
N GLU A 92 17.26 -4.73 7.45
CA GLU A 92 16.27 -4.59 8.52
C GLU A 92 16.69 -3.60 9.61
N ASN A 93 17.99 -3.35 9.72
CA ASN A 93 18.50 -2.44 10.74
C ASN A 93 18.37 -0.95 10.42
N ASP A 94 18.25 -0.61 9.14
CA ASP A 94 18.13 0.79 8.75
C ASP A 94 16.70 1.32 8.81
N LEU A 95 15.73 0.42 8.91
CA LEU A 95 14.33 0.82 8.90
C LEU A 95 13.50 0.58 10.15
N LEU A 96 12.34 1.22 10.13
CA LEU A 96 11.36 1.12 11.19
C LEU A 96 10.01 1.16 10.47
N VAL A 97 8.98 0.64 11.12
CA VAL A 97 7.66 0.71 10.52
C VAL A 97 6.79 1.47 11.50
N ARG A 98 6.04 2.42 10.97
CA ARG A 98 5.15 3.22 11.81
C ARG A 98 3.73 2.83 11.43
N ILE A 99 3.02 2.26 12.40
CA ILE A 99 1.66 1.80 12.18
C ILE A 99 0.66 2.64 12.95
N GLY A 100 -0.56 2.73 12.42
CA GLY A 100 -1.61 3.50 13.07
C GLY A 100 -1.47 5.00 12.88
N LYS A 101 -0.72 5.40 11.86
CA LYS A 101 -0.49 6.81 11.59
C LYS A 101 -1.56 7.46 10.70
N HIS A 102 -1.71 8.76 10.86
CA HIS A 102 -2.66 9.54 10.09
C HIS A 102 -1.85 10.74 9.60
N SER A 103 -1.28 11.49 10.55
CA SER A 103 -0.46 12.63 10.22
C SER A 103 0.81 12.10 9.58
N ARG A 104 1.28 12.77 8.55
CA ARG A 104 2.49 12.35 7.87
C ARG A 104 3.74 12.62 8.70
N THR A 105 3.85 13.84 9.20
CA THR A 105 5.03 14.26 9.94
C THR A 105 5.02 14.15 11.47
N ARG A 106 3.88 14.34 12.10
CA ARG A 106 3.80 14.29 13.54
C ARG A 106 4.07 12.92 14.14
N TYR A 107 4.69 12.90 15.32
CA TYR A 107 4.92 11.65 16.00
C TYR A 107 3.63 11.53 16.81
N GLU A 108 2.72 10.67 16.35
CA GLU A 108 1.43 10.51 17.01
C GLU A 108 1.44 9.59 18.21
N ARG A 109 1.95 10.11 19.32
CA ARG A 109 2.05 9.38 20.58
C ARG A 109 0.71 8.82 21.02
N ASN A 110 0.75 7.60 21.56
CA ASN A 110 -0.45 6.91 22.05
C ASN A 110 -1.38 6.48 20.92
N ILE A 111 -0.99 6.77 19.69
CA ILE A 111 -1.81 6.40 18.54
C ILE A 111 -1.03 5.48 17.62
N GLU A 112 0.11 5.96 17.15
CA GLU A 112 0.93 5.16 16.27
C GLU A 112 1.83 4.21 17.05
N LYS A 113 2.34 3.21 16.35
CA LYS A 113 3.23 2.23 16.95
C LYS A 113 4.43 2.12 16.03
N ILE A 114 5.62 2.33 16.58
CA ILE A 114 6.84 2.24 15.79
C ILE A 114 7.51 0.91 16.12
N SER A 115 7.63 0.06 15.10
CA SER A 115 8.21 -1.25 15.28
C SER A 115 9.51 -1.44 14.51
N MET A 116 10.40 -2.23 15.09
CA MET A 116 11.67 -2.53 14.45
C MET A 116 11.50 -3.81 13.65
N LEU A 117 12.35 -4.00 12.66
CA LEU A 117 12.26 -5.17 11.82
C LEU A 117 13.22 -6.28 12.23
N GLU A 118 12.73 -7.51 12.17
CA GLU A 118 13.54 -8.66 12.52
C GLU A 118 14.23 -9.14 11.26
N LYS A 119 13.50 -9.13 10.15
CA LYS A 119 14.04 -9.56 8.88
C LYS A 119 13.16 -9.11 7.73
N ILE A 120 13.79 -8.86 6.58
CA ILE A 120 13.05 -8.46 5.39
C ILE A 120 13.26 -9.52 4.34
N TYR A 121 12.26 -9.74 3.50
CA TYR A 121 12.34 -10.73 2.45
C TYR A 121 11.85 -10.09 1.17
N ILE A 122 12.63 -10.23 0.11
CA ILE A 122 12.28 -9.68 -1.19
C ILE A 122 12.10 -10.85 -2.15
N HIS A 123 11.02 -10.83 -2.92
CA HIS A 123 10.78 -11.92 -3.86
C HIS A 123 12.08 -12.20 -4.61
N PRO A 124 12.54 -13.47 -4.59
CA PRO A 124 13.77 -13.88 -5.25
C PRO A 124 13.85 -13.54 -6.74
N ARG A 125 12.71 -13.43 -7.39
CA ARG A 125 12.67 -13.13 -8.81
C ARG A 125 12.24 -11.71 -9.13
N TYR A 126 12.27 -10.85 -8.11
CA TYR A 126 11.90 -9.44 -8.28
C TYR A 126 12.81 -8.87 -9.36
N ASN A 127 12.22 -8.23 -10.37
CA ASN A 127 12.98 -7.67 -11.48
C ASN A 127 13.12 -6.15 -11.42
N TRP A 128 14.15 -5.67 -10.73
CA TRP A 128 14.38 -4.24 -10.61
C TRP A 128 15.07 -3.69 -11.85
N ARG A 129 15.68 -4.59 -12.63
CA ARG A 129 16.39 -4.20 -13.84
C ARG A 129 15.51 -3.64 -14.95
N GLU A 130 14.37 -4.29 -15.20
CA GLU A 130 13.52 -3.85 -16.28
C GLU A 130 12.22 -3.14 -15.96
N ASN A 131 11.25 -3.89 -15.41
CA ASN A 131 9.94 -3.33 -15.13
C ASN A 131 9.40 -3.54 -13.72
N LEU A 132 10.29 -3.79 -12.75
CA LEU A 132 9.85 -4.01 -11.37
C LEU A 132 8.93 -5.23 -11.27
N ASP A 133 9.13 -6.22 -12.13
CA ASP A 133 8.30 -7.43 -12.10
C ASP A 133 8.44 -8.10 -10.73
N ARG A 134 7.32 -8.60 -10.21
CA ARG A 134 7.29 -9.27 -8.91
C ARG A 134 7.76 -8.30 -7.83
N ASP A 135 7.23 -7.08 -7.87
CA ASP A 135 7.58 -6.04 -6.92
C ASP A 135 6.87 -6.27 -5.58
N ILE A 136 7.36 -7.25 -4.83
CA ILE A 136 6.76 -7.58 -3.54
C ILE A 136 7.82 -7.97 -2.52
N ALA A 137 7.60 -7.55 -1.27
CA ALA A 137 8.53 -7.84 -0.20
C ALA A 137 7.78 -7.96 1.10
N LEU A 138 8.39 -8.64 2.06
CA LEU A 138 7.78 -8.83 3.37
C LEU A 138 8.77 -8.39 4.43
N MET A 139 8.24 -7.89 5.54
CA MET A 139 9.08 -7.46 6.65
C MET A 139 8.47 -8.03 7.92
N LYS A 140 9.23 -8.85 8.62
CA LYS A 140 8.76 -9.44 9.87
C LYS A 140 9.20 -8.53 11.01
N LEU A 141 8.27 -8.15 11.86
CA LEU A 141 8.56 -7.28 12.99
C LEU A 141 9.35 -8.04 14.05
N LYS A 142 10.15 -7.33 14.81
CA LYS A 142 10.96 -7.94 15.87
C LYS A 142 10.03 -8.63 16.86
N LYS A 143 8.88 -8.02 17.10
CA LYS A 143 7.89 -8.59 18.02
C LYS A 143 6.51 -8.19 17.55
N PRO A 144 5.50 -9.04 17.83
CA PRO A 144 4.14 -8.70 17.41
C PRO A 144 3.66 -7.38 18.00
N VAL A 145 2.81 -6.68 17.25
CA VAL A 145 2.26 -5.42 17.71
C VAL A 145 0.83 -5.68 18.16
N ALA A 146 0.38 -4.96 19.17
CA ALA A 146 -0.98 -5.13 19.64
C ALA A 146 -1.87 -4.33 18.70
N PHE A 147 -3.05 -4.86 18.39
CA PHE A 147 -3.96 -4.15 17.50
C PHE A 147 -4.70 -3.09 18.27
N SER A 148 -5.28 -2.14 17.56
CA SER A 148 -6.03 -1.05 18.18
C SER A 148 -7.01 -0.49 17.16
N ASP A 149 -7.68 0.60 17.52
CA ASP A 149 -8.64 1.21 16.61
C ASP A 149 -7.92 1.70 15.37
N TYR A 150 -6.62 1.98 15.51
CA TYR A 150 -5.80 2.50 14.43
C TYR A 150 -4.86 1.48 13.79
N ILE A 151 -4.74 0.32 14.42
CA ILE A 151 -3.86 -0.73 13.92
C ILE A 151 -4.61 -2.04 13.76
N HIS A 152 -4.74 -2.48 12.51
CA HIS A 152 -5.45 -3.73 12.21
C HIS A 152 -5.01 -4.26 10.85
N PRO A 153 -4.76 -5.57 10.75
CA PRO A 153 -4.32 -6.15 9.48
C PRO A 153 -5.39 -6.23 8.39
N VAL A 154 -4.92 -6.19 7.15
CA VAL A 154 -5.79 -6.30 5.98
C VAL A 154 -5.73 -7.77 5.55
N CYS A 155 -6.74 -8.22 4.82
CA CYS A 155 -6.76 -9.61 4.35
C CYS A 155 -6.03 -9.73 3.03
N LEU A 156 -5.51 -10.92 2.78
CA LEU A 156 -4.85 -11.22 1.53
C LEU A 156 -5.94 -11.97 0.76
N PRO A 157 -6.09 -11.67 -0.53
CA PRO A 157 -7.14 -12.33 -1.32
C PRO A 157 -7.01 -13.83 -1.58
N ASP A 158 -8.14 -14.52 -1.56
CA ASP A 158 -8.21 -15.94 -1.85
C ASP A 158 -8.53 -15.96 -3.34
N ARG A 159 -8.45 -17.13 -3.97
CA ARG A 159 -8.72 -17.24 -5.39
C ARG A 159 -10.07 -16.70 -5.85
N GLU A 160 -11.13 -17.10 -5.16
CA GLU A 160 -12.47 -16.67 -5.52
C GLU A 160 -12.68 -15.16 -5.43
N THR A 161 -12.19 -14.56 -4.35
CA THR A 161 -12.34 -13.13 -4.17
C THR A 161 -11.58 -12.39 -5.27
N ALA A 162 -10.37 -12.85 -5.56
CA ALA A 162 -9.55 -12.23 -6.59
C ALA A 162 -10.20 -12.37 -7.96
N ALA A 163 -10.70 -13.57 -8.25
CA ALA A 163 -11.35 -13.83 -9.52
C ALA A 163 -12.55 -12.92 -9.72
N SER A 164 -13.33 -12.78 -8.65
CA SER A 164 -14.53 -11.95 -8.69
C SER A 164 -14.27 -10.45 -8.79
N LEU A 165 -13.32 -9.94 -8.01
CA LEU A 165 -13.06 -8.51 -7.99
C LEU A 165 -12.03 -7.93 -8.95
N LEU A 166 -11.06 -8.73 -9.38
CA LEU A 166 -10.06 -8.22 -10.31
C LEU A 166 -10.68 -8.14 -11.70
N GLN A 167 -11.48 -7.11 -11.91
CA GLN A 167 -12.18 -6.90 -13.17
C GLN A 167 -12.06 -5.45 -13.61
N ALA A 168 -12.00 -5.25 -14.92
CA ALA A 168 -11.89 -3.91 -15.47
C ALA A 168 -13.07 -3.06 -15.01
N GLY A 169 -12.78 -1.88 -14.49
CA GLY A 169 -13.84 -1.00 -14.02
C GLY A 169 -14.07 -1.08 -12.52
N TYR A 170 -13.73 -2.23 -11.92
CA TYR A 170 -13.91 -2.42 -10.49
C TYR A 170 -12.91 -1.55 -9.76
N LYS A 171 -13.42 -0.73 -8.84
CA LYS A 171 -12.58 0.19 -8.11
C LYS A 171 -11.92 -0.34 -6.85
N GLY A 172 -10.70 0.14 -6.63
CA GLY A 172 -9.94 -0.23 -5.45
C GLY A 172 -9.57 1.07 -4.78
N ARG A 173 -8.99 0.98 -3.59
CA ARG A 173 -8.60 2.16 -2.85
C ARG A 173 -7.10 2.16 -2.58
N VAL A 174 -6.46 3.27 -2.94
CA VAL A 174 -5.02 3.42 -2.73
C VAL A 174 -4.81 4.50 -1.68
N THR A 175 -3.89 4.25 -0.76
CA THR A 175 -3.61 5.20 0.31
C THR A 175 -2.11 5.40 0.46
N GLY A 176 -1.72 6.59 0.90
CA GLY A 176 -0.31 6.86 1.08
C GLY A 176 -0.04 8.32 1.44
N TRP A 177 1.20 8.59 1.81
CA TRP A 177 1.62 9.93 2.17
C TRP A 177 2.51 10.48 1.06
N GLY A 178 2.43 9.85 -0.10
CA GLY A 178 3.21 10.25 -1.25
C GLY A 178 2.87 11.63 -1.79
N ASN A 179 3.62 12.07 -2.78
CA ASN A 179 3.43 13.38 -3.38
C ASN A 179 1.99 13.63 -3.80
N LEU A 180 1.54 14.87 -3.60
CA LEU A 180 0.20 15.28 -3.94
C LEU A 180 0.12 15.59 -5.43
N LYS A 181 1.28 15.63 -6.07
CA LYS A 181 1.36 15.91 -7.49
C LYS A 181 2.78 15.66 -7.99
N GLU A 182 2.92 15.57 -9.31
CA GLU A 182 4.22 15.35 -9.92
C GLU A 182 5.15 16.47 -9.49
N THR A 183 6.24 16.11 -8.82
CA THR A 183 7.20 17.11 -8.35
C THR A 183 8.58 16.88 -8.98
N TRP A 184 9.04 17.87 -9.75
CA TRP A 184 10.32 17.78 -10.43
C TRP A 184 11.31 18.88 -10.04
N THR A 185 10.77 20.02 -9.60
CA THR A 185 11.62 21.13 -9.20
C THR A 185 11.04 21.86 -8.00
N ALA A 186 11.87 22.69 -7.37
CA ALA A 186 11.45 23.47 -6.21
C ALA A 186 10.26 24.34 -6.61
N ASN A 187 9.20 24.28 -5.82
CA ASN A 187 8.00 25.07 -6.06
C ASN A 187 7.27 25.30 -4.75
N VAL A 188 6.47 26.36 -4.71
CA VAL A 188 5.72 26.69 -3.51
C VAL A 188 4.35 26.03 -3.52
N GLY A 189 4.12 25.20 -4.54
CA GLY A 189 2.83 24.52 -4.66
C GLY A 189 2.71 23.35 -3.71
N LYS A 190 1.72 22.50 -3.96
CA LYS A 190 1.47 21.33 -3.12
C LYS A 190 2.52 20.25 -3.33
N GLY A 191 3.09 19.77 -2.24
CA GLY A 191 4.11 18.73 -2.31
C GLY A 191 3.62 17.45 -1.64
N GLN A 192 3.91 17.33 -0.34
CA GLN A 192 3.49 16.17 0.42
C GLN A 192 2.30 16.56 1.28
N PRO A 193 1.41 15.60 1.57
CA PRO A 193 0.22 15.84 2.37
C PRO A 193 0.51 15.97 3.87
N SER A 194 -0.43 16.57 4.58
CA SER A 194 -0.30 16.74 6.01
C SER A 194 -0.72 15.44 6.68
N VAL A 195 -1.73 14.78 6.10
CA VAL A 195 -2.23 13.52 6.62
C VAL A 195 -2.37 12.48 5.52
N LEU A 196 -2.58 11.23 5.92
CA LEU A 196 -2.73 10.13 4.97
C LEU A 196 -3.77 10.46 3.92
N GLN A 197 -3.43 10.23 2.66
CA GLN A 197 -4.34 10.50 1.55
C GLN A 197 -4.97 9.22 1.03
N VAL A 198 -6.18 9.34 0.51
CA VAL A 198 -6.90 8.19 -0.02
C VAL A 198 -7.53 8.54 -1.35
N VAL A 199 -7.56 7.57 -2.26
CA VAL A 199 -8.17 7.75 -3.57
C VAL A 199 -8.69 6.41 -4.07
N ASN A 200 -9.88 6.43 -4.66
CA ASN A 200 -10.48 5.21 -5.19
C ASN A 200 -10.28 5.23 -6.71
N LEU A 201 -9.73 4.14 -7.24
CA LEU A 201 -9.47 4.07 -8.67
C LEU A 201 -9.90 2.75 -9.29
N PRO A 202 -10.42 2.81 -10.52
CA PRO A 202 -10.88 1.61 -11.24
C PRO A 202 -9.75 0.81 -11.89
N ILE A 203 -9.88 -0.51 -11.84
CA ILE A 203 -8.89 -1.37 -12.47
C ILE A 203 -9.08 -1.15 -13.97
N VAL A 204 -7.99 -1.16 -14.72
CA VAL A 204 -8.06 -0.94 -16.16
C VAL A 204 -7.79 -2.24 -16.91
N GLU A 205 -8.42 -2.39 -18.08
CA GLU A 205 -8.24 -3.60 -18.89
C GLU A 205 -6.77 -3.75 -19.25
N ARG A 206 -6.25 -4.97 -19.11
CA ARG A 206 -4.86 -5.25 -19.42
C ARG A 206 -4.41 -4.68 -20.77
N PRO A 207 -5.23 -4.85 -21.82
CA PRO A 207 -4.84 -4.32 -23.14
C PRO A 207 -4.57 -2.81 -23.12
N VAL A 208 -5.35 -2.07 -22.34
CA VAL A 208 -5.17 -0.63 -22.25
C VAL A 208 -3.93 -0.30 -21.41
N CYS A 209 -3.70 -1.09 -20.36
CA CYS A 209 -2.53 -0.86 -19.52
C CYS A 209 -1.27 -1.00 -20.35
N LYS A 210 -1.19 -2.09 -21.12
CA LYS A 210 -0.02 -2.36 -21.95
C LYS A 210 0.07 -1.27 -23.03
N ASP A 211 -1.09 -0.83 -23.50
CA ASP A 211 -1.17 0.20 -24.52
C ASP A 211 -0.66 1.56 -24.04
N SER A 212 -0.87 1.83 -22.75
CA SER A 212 -0.48 3.11 -22.15
C SER A 212 0.99 3.29 -21.83
N THR A 213 1.79 2.23 -21.93
CA THR A 213 3.20 2.33 -21.59
C THR A 213 4.12 1.54 -22.50
N ARG A 214 5.36 2.02 -22.61
CA ARG A 214 6.38 1.35 -23.42
C ARG A 214 7.02 0.27 -22.55
N ILE A 215 6.83 0.40 -21.24
CA ILE A 215 7.37 -0.56 -20.29
C ILE A 215 6.62 -1.88 -20.40
N ARG A 216 7.37 -2.99 -20.41
CA ARG A 216 6.77 -4.31 -20.52
C ARG A 216 5.95 -4.65 -19.29
N ILE A 217 4.68 -4.96 -19.50
CA ILE A 217 3.77 -5.31 -18.41
C ILE A 217 3.70 -6.83 -18.28
N THR A 218 3.65 -7.30 -17.05
CA THR A 218 3.57 -8.74 -16.79
C THR A 218 2.29 -9.05 -16.03
N ASP A 219 1.95 -10.33 -15.92
CA ASP A 219 0.75 -10.73 -15.21
C ASP A 219 0.88 -10.50 -13.71
N ASN A 220 2.08 -10.15 -13.25
CA ASN A 220 2.32 -9.89 -11.84
C ASN A 220 1.99 -8.45 -11.47
N MET A 221 1.41 -7.74 -12.42
CA MET A 221 1.03 -6.37 -12.18
C MET A 221 -0.27 -6.08 -12.90
N PHE A 222 -0.93 -5.02 -12.45
CA PHE A 222 -2.17 -4.58 -13.07
C PHE A 222 -2.13 -3.06 -12.94
N CYS A 223 -2.88 -2.37 -13.77
CA CYS A 223 -2.87 -0.92 -13.69
C CYS A 223 -4.28 -0.44 -13.36
N ALA A 224 -4.35 0.73 -12.76
CA ALA A 224 -5.63 1.30 -12.37
C ALA A 224 -5.60 2.81 -12.52
N GLY A 225 -6.77 3.39 -12.67
CA GLY A 225 -6.88 4.83 -12.84
C GLY A 225 -7.93 5.12 -13.88
N TYR A 226 -8.40 6.36 -13.91
CA TYR A 226 -9.41 6.75 -14.87
C TYR A 226 -8.81 7.05 -16.23
N LYS A 227 -9.59 6.79 -17.28
CA LYS A 227 -9.15 7.08 -18.63
C LYS A 227 -9.46 8.55 -18.83
N PRO A 228 -8.80 9.20 -19.79
CA PRO A 228 -9.05 10.63 -20.02
C PRO A 228 -10.54 10.96 -20.24
N ASP A 229 -11.23 10.11 -20.99
CA ASP A 229 -12.64 10.32 -21.28
C ASP A 229 -13.58 10.10 -20.09
N GLU A 230 -13.06 9.57 -19.00
CA GLU A 230 -13.89 9.31 -17.83
C GLU A 230 -14.00 10.52 -16.91
N GLY A 231 -13.25 11.57 -17.22
CA GLY A 231 -13.31 12.79 -16.43
C GLY A 231 -12.63 12.78 -15.07
N LYS A 232 -13.03 11.86 -14.21
CA LYS A 232 -12.44 11.76 -12.88
C LYS A 232 -10.93 11.55 -12.96
N ARG A 233 -10.21 12.02 -11.95
CA ARG A 233 -8.76 11.89 -11.91
C ARG A 233 -8.35 11.12 -10.66
N GLY A 234 -7.04 11.06 -10.43
CA GLY A 234 -6.55 10.34 -9.26
C GLY A 234 -5.47 9.36 -9.62
N ASP A 235 -4.49 9.22 -8.73
CA ASP A 235 -3.39 8.32 -8.98
C ASP A 235 -2.48 8.29 -7.77
N ALA A 236 -1.65 7.26 -7.67
CA ALA A 236 -0.68 7.19 -6.59
C ALA A 236 0.45 8.04 -7.15
N CYS A 237 1.47 8.30 -6.34
CA CYS A 237 2.59 9.10 -6.81
C CYS A 237 3.81 8.75 -5.98
N GLU A 238 4.96 9.30 -6.35
CA GLU A 238 6.20 9.04 -5.63
C GLU A 238 5.98 9.21 -4.13
N GLY A 239 6.33 8.18 -3.37
CA GLY A 239 6.14 8.23 -1.93
C GLY A 239 5.02 7.30 -1.48
N ASP A 240 4.18 6.89 -2.42
CA ASP A 240 3.07 5.99 -2.12
C ASP A 240 3.52 4.54 -2.33
N SER A 241 4.65 4.39 -3.01
CA SER A 241 5.22 3.07 -3.29
C SER A 241 5.15 2.15 -2.08
N GLY A 242 4.82 0.89 -2.31
CA GLY A 242 4.72 -0.07 -1.23
C GLY A 242 3.38 -0.07 -0.55
N GLY A 243 2.64 1.03 -0.73
CA GLY A 243 1.32 1.17 -0.13
C GLY A 243 0.31 0.20 -0.71
N PRO A 244 -0.83 0.01 -0.01
CA PRO A 244 -1.86 -0.92 -0.48
C PRO A 244 -2.94 -0.39 -1.41
N PHE A 245 -3.40 -1.29 -2.28
CA PHE A 245 -4.49 -1.03 -3.21
C PHE A 245 -5.46 -2.08 -2.68
N VAL A 246 -6.50 -1.63 -1.99
CA VAL A 246 -7.45 -2.55 -1.40
C VAL A 246 -8.83 -2.50 -2.02
N MET A 247 -9.59 -3.58 -1.82
CA MET A 247 -10.93 -3.68 -2.33
C MET A 247 -11.76 -4.29 -1.21
N LYS A 248 -13.00 -3.82 -1.07
CA LYS A 248 -13.86 -4.35 -0.03
C LYS A 248 -14.70 -5.47 -0.65
N SER A 249 -14.62 -6.64 -0.05
CA SER A 249 -15.35 -7.79 -0.56
C SER A 249 -16.85 -7.69 -0.33
N PRO A 250 -17.64 -7.90 -1.39
CA PRO A 250 -19.10 -7.83 -1.27
C PRO A 250 -19.61 -9.12 -0.62
N PHE A 251 -18.74 -10.13 -0.61
CA PHE A 251 -19.07 -11.44 -0.04
C PHE A 251 -19.00 -11.51 1.48
N ASN A 252 -17.97 -10.92 2.08
CA ASN A 252 -17.83 -10.97 3.52
C ASN A 252 -17.51 -9.62 4.14
N ASN A 253 -17.60 -8.57 3.31
CA ASN A 253 -17.35 -7.20 3.72
C ASN A 253 -16.01 -6.96 4.40
N ARG A 254 -15.02 -7.74 4.02
CA ARG A 254 -13.67 -7.60 4.57
C ARG A 254 -12.85 -6.87 3.51
N TRP A 255 -11.87 -6.12 3.97
CA TRP A 255 -11.01 -5.40 3.03
C TRP A 255 -9.87 -6.33 2.63
N TYR A 256 -9.65 -6.43 1.32
CA TYR A 256 -8.60 -7.28 0.78
C TYR A 256 -7.58 -6.46 0.02
N GLN A 257 -6.31 -6.80 0.16
CA GLN A 257 -5.29 -6.07 -0.57
C GLN A 257 -5.00 -6.82 -1.86
N MET A 258 -5.41 -6.23 -2.98
CA MET A 258 -5.21 -6.84 -4.29
C MET A 258 -3.93 -6.30 -4.94
N GLY A 259 -3.46 -5.15 -4.47
CA GLY A 259 -2.25 -4.59 -5.05
C GLY A 259 -1.35 -3.82 -4.12
N ILE A 260 -0.15 -3.51 -4.62
CA ILE A 260 0.85 -2.74 -3.88
C ILE A 260 1.30 -1.65 -4.85
N VAL A 261 1.33 -0.40 -4.40
CA VAL A 261 1.76 0.70 -5.27
C VAL A 261 3.15 0.34 -5.78
N SER A 262 3.29 0.19 -7.09
CA SER A 262 4.55 -0.20 -7.68
C SER A 262 5.24 0.91 -8.47
N TRP A 263 4.67 1.25 -9.62
CA TRP A 263 5.27 2.26 -10.46
C TRP A 263 4.26 2.99 -11.36
N GLY A 264 4.76 4.00 -12.04
CA GLY A 264 3.95 4.77 -12.96
C GLY A 264 4.86 5.74 -13.67
N GLU A 265 4.32 6.49 -14.62
CA GLU A 265 5.09 7.47 -15.36
C GLU A 265 4.43 8.80 -15.03
N GLY A 266 5.12 9.62 -14.25
CA GLY A 266 4.54 10.88 -13.84
C GLY A 266 3.44 10.50 -12.86
N CYS A 267 2.53 11.43 -12.58
CA CYS A 267 1.43 11.14 -11.67
C CYS A 267 0.17 11.79 -12.18
N ASP A 268 -0.90 11.01 -12.25
CA ASP A 268 -2.18 11.50 -12.72
C ASP A 268 -2.12 12.15 -14.10
N ARG A 269 -1.31 11.59 -14.99
CA ARG A 269 -1.20 12.12 -16.34
C ARG A 269 -2.26 11.45 -17.20
N ASP A 270 -2.91 12.22 -18.07
CA ASP A 270 -3.93 11.66 -18.95
C ASP A 270 -3.29 10.56 -19.79
N GLY A 271 -3.97 9.42 -19.90
CA GLY A 271 -3.45 8.33 -20.70
C GLY A 271 -2.48 7.42 -19.98
N LYS A 272 -2.08 7.82 -18.78
CA LYS A 272 -1.16 7.02 -17.98
C LYS A 272 -1.96 6.38 -16.86
N TYR A 273 -1.47 5.27 -16.33
CA TYR A 273 -2.16 4.58 -15.25
C TYR A 273 -1.16 4.09 -14.23
N GLY A 274 -1.56 4.08 -12.96
CA GLY A 274 -0.66 3.62 -11.92
C GLY A 274 -0.58 2.10 -12.00
N PHE A 275 0.62 1.57 -11.81
CA PHE A 275 0.78 0.12 -11.85
C PHE A 275 0.99 -0.43 -10.46
N TYR A 276 0.33 -1.55 -10.19
CA TYR A 276 0.38 -2.18 -8.89
C TYR A 276 0.78 -3.64 -8.96
N THR A 277 1.46 -4.10 -7.92
CA THR A 277 1.87 -5.48 -7.83
C THR A 277 0.62 -6.33 -7.65
N HIS A 278 0.51 -7.39 -8.42
CA HIS A 278 -0.64 -8.30 -8.35
C HIS A 278 -0.44 -9.20 -7.13
N VAL A 279 -0.96 -8.76 -5.99
CA VAL A 279 -0.83 -9.51 -4.75
C VAL A 279 -1.31 -10.95 -4.80
N PHE A 280 -2.50 -11.19 -5.35
CA PHE A 280 -2.99 -12.55 -5.39
C PHE A 280 -2.07 -13.50 -6.16
N ARG A 281 -1.63 -13.07 -7.34
CA ARG A 281 -0.75 -13.91 -8.15
C ARG A 281 0.58 -14.21 -7.45
N LEU A 282 1.00 -13.32 -6.55
CA LEU A 282 2.25 -13.52 -5.84
C LEU A 282 2.02 -13.93 -4.38
N LYS A 283 0.76 -14.18 -4.03
CA LYS A 283 0.43 -14.56 -2.67
C LYS A 283 1.12 -15.85 -2.23
N LYS A 284 1.26 -16.81 -3.14
CA LYS A 284 1.90 -18.07 -2.77
C LYS A 284 3.32 -17.85 -2.25
N TRP A 285 3.97 -16.78 -2.70
CA TRP A 285 5.32 -16.50 -2.21
C TRP A 285 5.21 -16.04 -0.77
N ILE A 286 4.21 -15.22 -0.49
CA ILE A 286 4.00 -14.72 0.86
C ILE A 286 3.72 -15.92 1.76
N GLN A 287 2.90 -16.85 1.28
CA GLN A 287 2.55 -18.04 2.04
C GLN A 287 3.80 -18.85 2.35
N LYS A 288 4.60 -19.11 1.31
CA LYS A 288 5.83 -19.88 1.48
C LYS A 288 6.74 -19.23 2.52
N VAL A 289 6.95 -17.92 2.39
CA VAL A 289 7.82 -17.22 3.32
C VAL A 289 7.32 -17.27 4.76
N ILE A 290 6.08 -16.87 4.97
CA ILE A 290 5.52 -16.88 6.31
C ILE A 290 5.43 -18.28 6.90
N ASP A 291 5.12 -19.26 6.06
CA ASP A 291 5.01 -20.62 6.54
C ASP A 291 6.41 -21.08 6.98
N GLN A 292 7.43 -20.62 6.28
CA GLN A 292 8.80 -20.99 6.59
C GLN A 292 9.39 -20.23 7.79
N PHE A 293 9.13 -18.92 7.85
CA PHE A 293 9.68 -18.12 8.94
C PHE A 293 8.69 -17.76 10.05
N GLY A 294 7.73 -18.64 10.29
CA GLY A 294 6.76 -18.41 11.35
C GLY A 294 5.82 -17.24 11.16
N GLU A 295 4.55 -17.46 11.49
CA GLU A 295 3.53 -16.44 11.37
C GLU A 295 3.70 -15.38 12.47
N ASP B 1 11.26 18.23 8.30
CA ASP B 1 9.80 18.52 8.46
C ASP B 1 9.10 17.43 9.26
N PHE B 2 9.83 16.35 9.56
CA PHE B 2 9.28 15.26 10.33
C PHE B 2 9.61 15.43 11.81
N GLU B 3 8.58 15.37 12.65
CA GLU B 3 8.79 15.49 14.09
C GLU B 3 9.67 14.31 14.49
N GLU B 4 10.73 14.56 15.25
CA GLU B 4 11.60 13.47 15.65
C GLU B 4 10.87 12.48 16.53
N ILE B 5 11.19 11.20 16.35
CA ILE B 5 10.55 10.14 17.12
C ILE B 5 11.40 9.80 18.34
N PRO B 6 10.79 9.24 19.40
CA PRO B 6 11.55 8.88 20.60
C PRO B 6 12.81 8.11 20.25
N GLU B 7 13.93 8.50 20.85
CA GLU B 7 15.21 7.85 20.59
C GLU B 7 15.21 6.35 20.84
N GLU B 8 14.31 5.88 21.70
CA GLU B 8 14.25 4.46 22.02
C GLU B 8 13.97 3.63 20.76
N TYS B 9 13.47 4.27 19.72
CA TYS B 9 13.16 3.58 18.47
CB TYS B 9 11.93 4.20 17.80
CG TYS B 9 10.68 4.07 18.62
CD1 TYS B 9 10.17 2.81 18.95
CD2 TYS B 9 10.03 5.20 19.12
CE1 TYS B 9 9.03 2.68 19.74
CE2 TYS B 9 8.89 5.08 19.92
CZ TYS B 9 8.41 3.81 20.21
OH TYS B 9 7.30 3.67 21.02
S TYS B 9 5.91 3.81 20.12
O1 TYS B 9 4.80 3.88 21.01
O2 TYS B 9 5.93 2.52 19.48
O3 TYS B 9 5.82 4.83 19.15
C TYS B 9 14.33 3.62 17.50
O TYS B 9 14.34 2.91 16.50
N LEU B 10 15.31 4.45 17.81
CA LEU B 10 16.49 4.58 16.97
C LEU B 10 17.64 3.69 17.44
N GLN B 11 17.51 3.19 18.66
CA GLN B 11 18.52 2.31 19.24
C GLN B 11 18.36 0.91 18.68
N 1Z0 C . 8.75 6.26 -12.88
C3 1Z0 C . 9.31 4.91 -12.62
C 1Z0 C . 8.77 4.39 -11.28
O 1Z0 C . 7.58 4.42 -11.03
C' 1Z0 C . 8.90 3.96 -13.75
C1' 1Z0 C . 9.70 2.67 -13.75
C2' 1Z0 C . 11.08 2.71 -13.88
C6' 1Z0 C . 9.05 1.46 -13.63
C3' 1Z0 C . 11.80 1.52 -13.89
C5' 1Z0 C . 9.77 0.28 -13.63
C4' 1Z0 C . 11.16 0.30 -13.76
C1 1Z0 C . 9.27 6.78 -14.17
N1 1Z0 C . 9.68 3.90 -10.41
CA 1Z0 C . 9.23 3.39 -9.10
C2 1Z0 C . 8.57 4.50 -8.30
O1 1Z0 C . 8.98 5.66 -8.37
CB 1Z0 C . 10.53 2.91 -8.44
CG 1Z0 C . 11.50 2.74 -9.56
CD 1Z0 C . 11.13 3.77 -10.59
N2 1Z0 C . 7.56 4.15 -7.52
CA1 1Z0 C . 6.85 5.12 -6.70
CB1 1Z0 C . 5.35 5.03 -6.97
CG1 1Z0 C . 4.96 5.72 -8.27
CD1 1Z0 C . 3.58 5.35 -8.75
NE 1Z0 C . 3.15 6.25 -9.82
CZ 1Z0 C . 1.91 6.34 -10.28
NH1 1Z0 C . 0.94 5.58 -9.77
NH2 1Z0 C . 1.63 7.21 -11.24
N5 1Z0 C . 9.52 4.25 -4.65
S5 1Z0 C . 9.21 6.79 -4.84
C5 1Z0 C . 8.58 5.21 -4.90
C61 1Z0 C . 10.76 4.75 -4.40
C62 1Z0 C . 10.82 6.18 -4.46
C63 1Z0 C . 12.00 6.85 -4.23
C64 1Z0 C . 13.15 6.13 -3.94
C65 1Z0 C . 13.13 4.73 -3.88
C66 1Z0 C . 11.93 4.05 -4.12
C11 1Z0 C . 14.33 6.80 -3.65
O11 1Z0 C . 15.21 6.22 -3.00
O2 1Z0 C . 14.42 8.01 -3.96
O3 1Z0 C . 6.40 5.86 -4.47
C4 1Z0 C . 7.13 4.91 -5.24
C1 NAG D . 22.46 -5.39 -0.15
C2 NAG D . 22.53 -6.55 -1.17
C3 NAG D . 23.49 -7.74 -0.85
C4 NAG D . 24.11 -7.74 0.59
C5 NAG D . 23.82 -6.45 1.50
C6 NAG D . 24.95 -6.20 2.50
C7 NAG D . 22.16 -6.19 -3.67
C8 NAG D . 22.77 -4.81 -3.90
N2 NAG D . 21.65 -6.55 -2.34
O3 NAG D . 23.84 -8.72 -1.83
O4 NAG D . 24.80 -8.89 1.11
O5 NAG D . 23.64 -5.28 0.67
O6 NAG D . 24.44 -6.03 3.82
O7 NAG D . 22.00 -7.20 -4.67
NA NA E . -4.04 9.01 -15.74
NA NA F . 3.45 -2.12 -22.39
#